data_9JLO
#
_entry.id   9JLO
#
_cell.length_a   76.521
_cell.length_b   93.124
_cell.length_c   101.517
_cell.angle_alpha   90.00
_cell.angle_beta   90.00
_cell.angle_gamma   90.00
#
_symmetry.space_group_name_H-M   'P 2 21 21'
#
loop_
_entity.id
_entity.type
_entity.pdbx_description
1 polymer 'L-lactate dehydrogenase'
2 non-polymer 1,2-ETHANEDIOL
3 water water
#
_entity_poly.entity_id   1
_entity_poly.type   'polypeptide(L)'
_entity_poly.pdbx_seq_one_letter_code
;MSKNHQKVVLVGDGAVGSSYAFAMAQQGIAEEFAIVDIIKERTEGDAMDLEDATAFTAPKNIYSADYDTCKDADLVVITA
GAPQKPGETRLQLVDKNLKIIKSVVEPIVKSGFDGIFLVAANPVDILTYAVQKLSGFPKNKVVGSGTSLDSARLRVALGK
KLDVDPRDVIANIMGEHGDSEFAAYSSATVGGKPLLDIAKDEGISEDELLKIEDDVRNKAYEIINRKGATFYGVATALMR
ISKAILRDENSVLPIGAPMNGEYGLNDLYIGTPAVVNASGVAKVIEVPLNDREKKAMADSAKQLEEVAKNGMAKLQGNN
;
_entity_poly.pdbx_strand_id   A,B
#
# COMPACT_ATOMS: atom_id res chain seq x y z
N SER A 2 1.17 7.12 -26.11
CA SER A 2 -0.04 8.06 -25.89
C SER A 2 -0.75 7.80 -24.55
N LYS A 3 -1.44 6.68 -24.48
CA LYS A 3 -2.59 6.44 -23.56
C LYS A 3 -3.03 4.98 -23.73
N ASN A 4 -3.20 4.52 -24.99
CA ASN A 4 -3.68 3.15 -25.36
CA ASN A 4 -3.69 3.18 -25.41
C ASN A 4 -2.53 2.27 -25.83
N HIS A 5 -1.38 2.86 -26.18
CA HIS A 5 -0.10 2.16 -26.43
C HIS A 5 0.98 3.05 -25.80
N GLN A 6 1.44 2.78 -24.57
CA GLN A 6 2.22 3.78 -23.80
C GLN A 6 3.73 3.61 -24.03
N LYS A 7 4.46 4.71 -24.25
CA LYS A 7 5.90 4.73 -24.61
C LYS A 7 6.69 5.43 -23.50
N VAL A 8 7.58 4.72 -22.85
CA VAL A 8 8.64 5.27 -21.99
C VAL A 8 9.92 5.38 -22.83
N VAL A 9 10.65 6.46 -22.66
CA VAL A 9 12.06 6.57 -23.15
C VAL A 9 12.97 6.55 -21.93
N LEU A 10 13.98 5.68 -21.93
CA LEU A 10 15.07 5.72 -20.88
C LEU A 10 16.21 6.51 -21.41
N VAL A 11 16.72 7.57 -20.73
CA VAL A 11 18.00 8.21 -21.16
C VAL A 11 19.06 7.87 -20.12
N GLY A 12 20.15 7.23 -20.52
CA GLY A 12 21.15 6.62 -19.62
C GLY A 12 20.82 5.16 -19.33
N ASP A 13 21.59 4.27 -19.93
CA ASP A 13 21.52 2.80 -19.79
C ASP A 13 22.79 2.35 -19.04
N GLY A 14 23.14 3.03 -17.93
CA GLY A 14 23.99 2.52 -16.85
C GLY A 14 23.27 1.44 -16.02
N ALA A 15 23.79 1.14 -14.86
CA ALA A 15 23.35 0.07 -13.94
C ALA A 15 21.92 0.37 -13.48
N VAL A 16 21.69 1.62 -13.07
CA VAL A 16 20.37 2.17 -12.57
C VAL A 16 19.31 2.04 -13.67
N GLY A 17 19.60 2.61 -14.85
CA GLY A 17 18.72 2.55 -16.04
C GLY A 17 18.45 1.14 -16.58
N SER A 18 19.46 0.26 -16.66
CA SER A 18 19.33 -1.15 -17.13
C SER A 18 18.42 -1.96 -16.16
N SER A 19 18.54 -1.78 -14.86
CA SER A 19 17.70 -2.31 -13.76
C SER A 19 16.25 -1.80 -13.83
N TYR A 20 16.06 -0.52 -14.09
CA TYR A 20 14.77 0.16 -14.34
C TYR A 20 14.04 -0.54 -15.47
N ALA A 21 14.70 -0.69 -16.63
CA ALA A 21 14.13 -1.32 -17.83
C ALA A 21 13.74 -2.74 -17.47
N PHE A 22 14.59 -3.47 -16.78
CA PHE A 22 14.26 -4.84 -16.36
C PHE A 22 13.07 -4.86 -15.39
N ALA A 23 13.02 -3.98 -14.40
CA ALA A 23 11.86 -3.91 -13.46
C ALA A 23 10.58 -3.60 -14.26
N MET A 24 10.65 -2.70 -15.23
CA MET A 24 9.51 -2.33 -16.10
C MET A 24 9.17 -3.52 -17.02
N ALA A 25 10.15 -4.33 -17.47
CA ALA A 25 9.88 -5.62 -18.15
C ALA A 25 9.08 -6.59 -17.24
N GLN A 26 9.36 -6.71 -15.95
CA GLN A 26 8.80 -7.75 -15.04
C GLN A 26 7.35 -7.41 -14.73
N GLN A 27 7.14 -6.14 -14.35
CA GLN A 27 5.85 -5.51 -14.03
C GLN A 27 4.93 -5.41 -15.25
N GLY A 28 5.38 -5.52 -16.53
CA GLY A 28 4.51 -5.42 -17.72
C GLY A 28 3.88 -4.02 -17.84
N ILE A 29 4.65 -2.96 -17.55
CA ILE A 29 4.25 -1.53 -17.61
C ILE A 29 4.93 -0.88 -18.83
N ALA A 30 4.09 -0.25 -19.68
CA ALA A 30 4.49 0.54 -20.87
C ALA A 30 4.68 -0.47 -21.98
N GLU A 31 4.01 -0.24 -23.12
CA GLU A 31 4.00 -1.21 -24.24
C GLU A 31 5.26 -1.03 -25.09
N GLU A 32 5.91 0.14 -25.02
CA GLU A 32 7.07 0.50 -25.88
C GLU A 32 8.10 1.18 -24.98
N PHE A 33 9.37 0.80 -25.10
CA PHE A 33 10.47 1.20 -24.21
C PHE A 33 11.73 1.41 -25.09
N ALA A 34 12.06 2.67 -25.34
CA ALA A 34 13.25 3.18 -26.08
C ALA A 34 14.37 3.40 -25.09
N ILE A 35 15.59 2.99 -25.43
CA ILE A 35 16.83 3.25 -24.64
C ILE A 35 17.72 4.20 -25.46
N VAL A 36 17.99 5.35 -24.90
CA VAL A 36 18.85 6.41 -25.54
C VAL A 36 20.12 6.52 -24.70
N ASP A 37 21.26 6.03 -25.18
CA ASP A 37 22.57 6.43 -24.60
C ASP A 37 23.63 6.69 -25.69
N ILE A 38 24.77 7.29 -25.31
CA ILE A 38 25.92 7.64 -26.21
C ILE A 38 26.37 6.39 -26.99
N ILE A 39 26.83 5.34 -26.32
CA ILE A 39 27.39 4.12 -27.00
C ILE A 39 26.25 3.19 -27.45
N LYS A 40 25.90 3.26 -28.73
CA LYS A 40 24.70 2.59 -29.31
C LYS A 40 24.90 1.06 -29.33
N GLU A 41 26.13 0.55 -29.39
CA GLU A 41 26.35 -0.93 -29.41
C GLU A 41 25.88 -1.51 -28.05
N ARG A 42 25.99 -0.75 -26.93
CA ARG A 42 25.59 -1.20 -25.56
CA ARG A 42 25.59 -1.23 -25.57
C ARG A 42 24.06 -1.10 -25.37
N THR A 43 23.46 -0.02 -25.84
CA THR A 43 21.98 0.23 -25.73
C THR A 43 21.26 -0.82 -26.59
N GLU A 44 21.84 -1.20 -27.74
CA GLU A 44 21.34 -2.33 -28.56
C GLU A 44 21.50 -3.67 -27.84
N GLY A 45 22.68 -4.01 -27.32
CA GLY A 45 22.93 -5.29 -26.61
C GLY A 45 21.97 -5.44 -25.46
N ASP A 46 21.67 -4.34 -24.77
CA ASP A 46 20.74 -4.33 -23.63
C ASP A 46 19.32 -4.57 -24.09
N ALA A 47 18.85 -3.91 -25.13
CA ALA A 47 17.47 -4.13 -25.69
C ALA A 47 17.33 -5.59 -26.14
N MET A 48 18.38 -6.18 -26.74
CA MET A 48 18.42 -7.62 -27.13
C MET A 48 18.32 -8.53 -25.90
N ASP A 49 19.03 -8.22 -24.81
CA ASP A 49 18.99 -9.07 -23.60
C ASP A 49 17.62 -8.89 -22.90
N LEU A 50 17.08 -7.67 -22.83
CA LEU A 50 15.85 -7.34 -22.05
C LEU A 50 14.63 -7.91 -22.77
N GLU A 51 14.62 -7.97 -24.11
CA GLU A 51 13.45 -8.52 -24.86
CA GLU A 51 13.48 -8.52 -24.91
C GLU A 51 13.28 -10.02 -24.57
N ASP A 52 14.34 -10.73 -24.18
CA ASP A 52 14.27 -12.17 -23.88
C ASP A 52 13.29 -12.49 -22.75
N ALA A 53 13.18 -11.60 -21.77
CA ALA A 53 12.15 -11.53 -20.70
C ALA A 53 10.72 -11.58 -21.23
N THR A 54 10.44 -10.89 -22.36
CA THR A 54 9.04 -10.64 -22.83
C THR A 54 8.35 -11.98 -23.16
N ALA A 55 9.09 -13.09 -23.36
CA ALA A 55 8.51 -14.44 -23.54
C ALA A 55 7.75 -14.93 -22.28
N PHE A 56 8.05 -14.40 -21.08
CA PHE A 56 7.45 -14.87 -19.80
C PHE A 56 6.69 -13.71 -19.10
N THR A 57 7.03 -12.45 -19.33
CA THR A 57 6.41 -11.25 -18.79
C THR A 57 5.36 -10.71 -19.79
N ALA A 58 4.85 -9.48 -19.65
CA ALA A 58 3.90 -8.91 -20.65
C ALA A 58 4.66 -8.55 -21.94
N PRO A 59 4.01 -8.53 -23.14
CA PRO A 59 4.66 -8.05 -24.37
C PRO A 59 5.19 -6.62 -24.26
N LYS A 60 6.36 -6.36 -24.83
CA LYS A 60 6.93 -4.99 -24.81
C LYS A 60 7.90 -4.89 -25.99
N ASN A 61 7.76 -3.80 -26.75
CA ASN A 61 8.64 -3.35 -27.84
C ASN A 61 9.78 -2.55 -27.20
N ILE A 62 10.94 -3.17 -27.03
CA ILE A 62 12.16 -2.65 -26.37
C ILE A 62 13.21 -2.47 -27.49
N TYR A 63 13.88 -1.33 -27.57
CA TYR A 63 14.82 -1.01 -28.66
C TYR A 63 15.70 0.15 -28.23
N SER A 64 16.90 0.22 -28.77
CA SER A 64 17.86 1.34 -28.76
C SER A 64 17.35 2.40 -29.73
N ALA A 65 17.32 3.67 -29.31
CA ALA A 65 16.87 4.80 -30.15
C ALA A 65 17.81 5.99 -29.96
N ASP A 66 17.53 7.09 -30.70
CA ASP A 66 18.10 8.45 -30.43
C ASP A 66 17.00 9.33 -29.87
N TYR A 67 17.38 10.54 -29.43
CA TYR A 67 16.56 11.61 -28.77
C TYR A 67 15.26 11.96 -29.50
N ASP A 68 15.22 11.92 -30.84
CA ASP A 68 14.01 12.11 -31.71
C ASP A 68 12.81 11.18 -31.34
N THR A 69 13.06 9.98 -30.82
CA THR A 69 12.05 8.99 -30.34
C THR A 69 11.14 9.65 -29.28
N CYS A 70 11.62 10.69 -28.60
CA CYS A 70 10.88 11.34 -27.51
C CYS A 70 9.63 12.06 -28.06
N LYS A 71 9.55 12.42 -29.37
CA LYS A 71 8.38 13.14 -29.92
C LYS A 71 7.06 12.55 -29.37
N ASP A 72 6.89 11.21 -29.35
CA ASP A 72 5.60 10.49 -29.08
C ASP A 72 5.68 9.74 -27.74
N ALA A 73 6.61 10.18 -26.87
CA ALA A 73 6.84 9.59 -25.56
C ALA A 73 5.82 10.15 -24.57
N ASP A 74 5.43 9.31 -23.61
CA ASP A 74 4.53 9.76 -22.51
C ASP A 74 5.44 10.12 -21.34
N LEU A 75 6.64 9.52 -21.33
CA LEU A 75 7.48 9.58 -20.10
C LEU A 75 8.93 9.40 -20.50
N VAL A 76 9.75 10.36 -20.06
CA VAL A 76 11.22 10.41 -20.31
C VAL A 76 11.89 10.27 -18.93
N VAL A 77 12.70 9.23 -18.78
CA VAL A 77 13.39 8.89 -17.52
C VAL A 77 14.85 9.17 -17.80
N ILE A 78 15.42 10.12 -17.03
CA ILE A 78 16.79 10.63 -17.14
C ILE A 78 17.57 10.09 -15.91
N THR A 79 18.47 9.15 -16.19
CA THR A 79 19.40 8.55 -15.22
C THR A 79 20.82 9.02 -15.58
N ALA A 80 20.96 9.81 -16.65
CA ALA A 80 22.23 10.11 -17.35
C ALA A 80 23.09 11.08 -16.51
N GLY A 81 24.40 10.88 -16.55
CA GLY A 81 25.37 11.62 -15.73
C GLY A 81 26.44 10.69 -15.22
N ALA A 82 27.66 11.21 -15.10
CA ALA A 82 28.86 10.50 -14.61
C ALA A 82 28.88 10.60 -13.07
N PRO A 83 29.33 9.55 -12.34
CA PRO A 83 29.34 9.57 -10.87
C PRO A 83 30.59 10.31 -10.34
N GLN A 84 30.82 10.36 -9.01
CA GLN A 84 31.89 11.21 -8.38
C GLN A 84 33.24 10.49 -8.55
N LYS A 85 34.14 11.03 -9.40
CA LYS A 85 35.60 10.71 -9.49
C LYS A 85 36.29 11.09 -8.17
N PRO A 86 37.27 10.28 -7.68
CA PRO A 86 38.00 10.54 -6.43
C PRO A 86 38.47 11.95 -6.03
N GLY A 87 39.20 12.65 -6.90
CA GLY A 87 39.63 14.05 -6.64
C GLY A 87 38.59 15.07 -7.07
N GLU A 88 37.38 14.65 -7.41
CA GLU A 88 36.28 15.56 -7.83
C GLU A 88 35.57 16.04 -6.57
N THR A 89 35.35 17.38 -6.42
CA THR A 89 34.51 17.98 -5.32
C THR A 89 33.04 17.81 -5.73
N ARG A 90 32.09 18.00 -4.81
CA ARG A 90 30.62 17.89 -5.12
C ARG A 90 30.25 19.01 -6.10
N LEU A 91 30.82 20.21 -5.93
CA LEU A 91 30.70 21.37 -6.87
C LEU A 91 31.11 20.96 -8.30
N GLN A 92 32.22 20.28 -8.51
CA GLN A 92 32.64 19.83 -9.88
C GLN A 92 31.71 18.70 -10.36
N LEU A 93 31.30 17.78 -9.50
CA LEU A 93 30.29 16.76 -9.87
C LEU A 93 29.03 17.49 -10.36
N VAL A 94 28.59 18.48 -9.58
CA VAL A 94 27.43 19.37 -9.89
C VAL A 94 27.65 20.00 -11.26
N ASP A 95 28.82 20.63 -11.49
CA ASP A 95 29.04 21.47 -12.70
C ASP A 95 29.10 20.54 -13.91
N LYS A 96 29.82 19.41 -13.80
CA LYS A 96 29.88 18.36 -14.87
C LYS A 96 28.47 17.85 -15.24
N ASN A 97 27.59 17.61 -14.28
CA ASN A 97 26.34 16.85 -14.55
C ASN A 97 25.25 17.82 -15.04
N LEU A 98 25.29 19.08 -14.59
CA LEU A 98 24.53 20.21 -15.16
C LEU A 98 24.77 20.36 -16.68
N LYS A 99 26.04 20.31 -17.09
CA LYS A 99 26.37 20.39 -18.54
C LYS A 99 25.91 19.12 -19.27
N ILE A 100 25.91 17.93 -18.61
CA ILE A 100 25.38 16.69 -19.22
C ILE A 100 23.86 16.85 -19.42
N ILE A 101 23.13 17.37 -18.44
CA ILE A 101 21.63 17.33 -18.45
C ILE A 101 21.13 18.39 -19.44
N LYS A 102 21.84 19.52 -19.57
CA LYS A 102 21.63 20.48 -20.67
C LYS A 102 21.71 19.75 -22.01
N SER A 103 22.70 18.89 -22.19
CA SER A 103 22.98 18.13 -23.44
C SER A 103 21.98 16.99 -23.61
N VAL A 104 21.17 16.62 -22.60
CA VAL A 104 20.06 15.63 -22.81
C VAL A 104 18.75 16.37 -23.14
N VAL A 105 18.40 17.36 -22.30
CA VAL A 105 17.15 18.18 -22.30
C VAL A 105 16.97 18.88 -23.64
N GLU A 106 18.06 19.43 -24.24
CA GLU A 106 17.86 20.29 -25.47
C GLU A 106 17.27 19.42 -26.58
N PRO A 107 17.86 18.25 -26.93
CA PRO A 107 17.27 17.39 -27.97
C PRO A 107 15.93 16.70 -27.63
N ILE A 108 15.62 16.42 -26.35
CA ILE A 108 14.29 15.95 -25.89
C ILE A 108 13.29 17.04 -26.32
N VAL A 109 13.51 18.27 -25.88
CA VAL A 109 12.61 19.41 -26.21
C VAL A 109 12.55 19.58 -27.74
N LYS A 110 13.69 19.55 -28.46
CA LYS A 110 13.71 19.70 -29.94
C LYS A 110 12.88 18.59 -30.61
N SER A 111 12.80 17.37 -30.06
CA SER A 111 11.95 16.29 -30.64
C SER A 111 10.45 16.63 -30.65
N GLY A 112 9.97 17.63 -29.90
CA GLY A 112 8.53 17.95 -29.74
C GLY A 112 7.87 17.16 -28.60
N PHE A 113 8.67 16.48 -27.75
CA PHE A 113 8.19 15.72 -26.54
C PHE A 113 7.35 16.64 -25.67
N ASP A 114 6.17 16.16 -25.28
CA ASP A 114 5.12 16.89 -24.53
C ASP A 114 4.57 16.05 -23.36
N GLY A 115 5.30 15.01 -22.90
CA GLY A 115 4.87 14.11 -21.82
C GLY A 115 5.44 14.53 -20.48
N ILE A 116 5.80 13.57 -19.62
CA ILE A 116 6.35 13.92 -18.27
C ILE A 116 7.81 13.47 -18.17
N PHE A 117 8.61 14.27 -17.51
CA PHE A 117 10.00 13.91 -17.10
C PHE A 117 9.93 13.25 -15.74
N LEU A 118 10.76 12.24 -15.55
CA LEU A 118 11.14 11.71 -14.23
C LEU A 118 12.67 11.78 -14.17
N VAL A 119 13.21 12.51 -13.21
CA VAL A 119 14.68 12.78 -13.21
C VAL A 119 15.27 11.99 -12.07
N ALA A 120 16.27 11.15 -12.39
CA ALA A 120 16.91 10.25 -11.40
C ALA A 120 18.39 10.53 -11.31
N ALA A 121 18.95 11.36 -12.19
CA ALA A 121 20.40 11.63 -12.27
C ALA A 121 20.78 12.37 -11.00
N ASN A 122 21.96 12.06 -10.48
CA ASN A 122 22.45 12.62 -9.19
C ASN A 122 23.39 13.79 -9.48
N PRO A 123 23.38 14.88 -8.68
CA PRO A 123 22.48 15.04 -7.52
C PRO A 123 21.03 15.41 -7.92
N VAL A 124 20.02 14.73 -7.37
CA VAL A 124 18.72 14.55 -8.11
C VAL A 124 17.83 15.80 -8.01
N ASP A 125 17.91 16.51 -6.88
CA ASP A 125 17.05 17.68 -6.60
C ASP A 125 17.65 18.90 -7.29
N ILE A 126 18.99 19.02 -7.36
CA ILE A 126 19.67 20.03 -8.27
C ILE A 126 19.29 19.76 -9.72
N LEU A 127 19.28 18.52 -10.17
CA LEU A 127 19.16 18.22 -11.61
C LEU A 127 17.68 18.21 -12.05
N THR A 128 16.77 17.99 -11.13
CA THR A 128 15.32 18.15 -11.36
C THR A 128 15.04 19.65 -11.50
N TYR A 129 15.63 20.47 -10.65
CA TYR A 129 15.59 21.96 -10.79
C TYR A 129 16.03 22.37 -12.20
N ALA A 130 17.23 21.90 -12.58
CA ALA A 130 17.87 22.19 -13.89
C ALA A 130 16.95 21.66 -15.03
N VAL A 131 16.39 20.44 -14.92
CA VAL A 131 15.57 19.87 -16.03
C VAL A 131 14.35 20.79 -16.32
N GLN A 132 13.76 21.37 -15.27
CA GLN A 132 12.60 22.30 -15.30
C GLN A 132 12.99 23.65 -15.91
N LYS A 133 14.14 24.20 -15.48
CA LYS A 133 14.61 25.53 -15.97
C LYS A 133 14.94 25.41 -17.46
N LEU A 134 15.60 24.32 -17.83
CA LEU A 134 16.19 24.13 -19.17
C LEU A 134 15.10 23.69 -20.15
N SER A 135 14.04 22.97 -19.72
CA SER A 135 12.96 22.42 -20.58
C SER A 135 11.87 23.46 -20.87
N GLY A 136 11.63 24.39 -19.95
CA GLY A 136 10.49 25.30 -19.96
C GLY A 136 9.18 24.64 -19.53
N PHE A 137 9.17 23.32 -19.22
CA PHE A 137 7.95 22.55 -18.88
C PHE A 137 7.42 23.06 -17.56
N PRO A 138 6.09 23.19 -17.35
CA PRO A 138 5.51 23.34 -16.01
C PRO A 138 6.18 22.45 -14.95
N LYS A 139 6.14 22.91 -13.71
CA LYS A 139 6.85 22.34 -12.53
C LYS A 139 6.29 20.93 -12.27
N ASN A 140 4.96 20.78 -12.40
CA ASN A 140 4.22 19.50 -12.16
C ASN A 140 4.69 18.39 -13.11
N LYS A 141 5.13 18.65 -14.35
CA LYS A 141 5.57 17.64 -15.36
C LYS A 141 7.07 17.33 -15.31
N VAL A 142 7.82 17.80 -14.31
CA VAL A 142 9.22 17.35 -13.96
C VAL A 142 9.08 16.75 -12.57
N VAL A 143 9.08 15.42 -12.49
CA VAL A 143 8.96 14.66 -11.20
C VAL A 143 10.35 14.18 -10.81
N GLY A 144 10.82 14.52 -9.62
CA GLY A 144 12.15 14.12 -9.15
C GLY A 144 12.03 12.86 -8.32
N SER A 145 12.96 11.91 -8.51
CA SER A 145 12.96 10.63 -7.76
C SER A 145 13.26 10.99 -6.32
N GLY A 146 14.11 12.01 -6.08
CA GLY A 146 14.33 12.63 -4.78
C GLY A 146 14.53 11.63 -3.68
N THR A 147 13.74 11.70 -2.59
CA THR A 147 13.92 10.86 -1.37
C THR A 147 13.06 9.59 -1.41
N SER A 148 12.67 9.11 -2.62
CA SER A 148 11.87 7.86 -2.77
C SER A 148 12.63 6.62 -2.29
N LEU A 149 13.79 6.37 -2.88
CA LEU A 149 14.74 5.27 -2.51
C LEU A 149 15.06 5.33 -1.01
N ASP A 150 15.48 6.46 -0.46
CA ASP A 150 15.96 6.47 0.96
C ASP A 150 14.74 6.28 1.85
N SER A 151 13.56 6.81 1.46
CA SER A 151 12.28 6.49 2.12
C SER A 151 12.10 4.97 2.15
N ALA A 152 12.27 4.29 1.00
CA ALA A 152 12.22 2.81 0.85
C ALA A 152 13.20 2.13 1.80
N ARG A 153 14.49 2.55 1.78
CA ARG A 153 15.47 2.13 2.82
C ARG A 153 15.00 2.29 4.27
N LEU A 154 14.53 3.47 4.66
CA LEU A 154 14.03 3.74 6.05
C LEU A 154 12.92 2.75 6.34
N ARG A 155 12.01 2.57 5.38
CA ARG A 155 10.83 1.70 5.65
C ARG A 155 11.26 0.25 5.81
N VAL A 156 12.19 -0.20 5.00
CA VAL A 156 12.66 -1.60 5.10
C VAL A 156 13.38 -1.79 6.43
N ALA A 157 14.18 -0.82 6.90
CA ALA A 157 14.91 -0.91 8.20
C ALA A 157 13.91 -0.88 9.36
N LEU A 158 12.87 -0.04 9.29
CA LEU A 158 11.88 0.00 10.39
C LEU A 158 11.00 -1.26 10.33
N GLY A 159 10.79 -1.85 9.14
CA GLY A 159 10.07 -3.14 8.97
C GLY A 159 10.79 -4.34 9.59
N LYS A 160 12.12 -4.43 9.44
CA LYS A 160 12.93 -5.54 10.04
C LYS A 160 12.86 -5.41 11.58
N LYS A 161 12.95 -4.21 12.09
CA LYS A 161 12.90 -3.87 13.55
C LYS A 161 11.53 -4.18 14.15
N LEU A 162 10.43 -4.01 13.39
CA LEU A 162 9.06 -4.24 13.91
C LEU A 162 8.40 -5.49 13.29
N ASP A 163 9.07 -6.29 12.43
CA ASP A 163 8.42 -7.44 11.70
C ASP A 163 7.07 -6.95 11.14
N VAL A 164 7.11 -5.80 10.47
CA VAL A 164 5.94 -5.22 9.73
C VAL A 164 6.35 -5.14 8.27
N ASP A 165 5.58 -5.76 7.38
CA ASP A 165 5.51 -5.38 5.93
C ASP A 165 5.99 -3.94 5.78
N PRO A 166 7.18 -3.72 5.21
CA PRO A 166 7.64 -2.39 4.80
C PRO A 166 6.66 -1.47 4.02
N ARG A 167 5.71 -2.03 3.26
CA ARG A 167 4.62 -1.28 2.57
C ARG A 167 3.63 -0.66 3.53
N ASP A 168 3.51 -1.13 4.79
CA ASP A 168 2.63 -0.49 5.83
C ASP A 168 3.40 0.42 6.80
N VAL A 169 4.71 0.52 6.66
CA VAL A 169 5.50 1.46 7.49
C VAL A 169 5.48 2.78 6.70
N ILE A 170 4.62 3.71 7.10
CA ILE A 170 4.46 5.07 6.50
C ILE A 170 5.43 5.99 7.24
N ALA A 171 6.69 5.93 6.77
CA ALA A 171 7.80 6.80 7.18
C ALA A 171 8.43 7.37 5.92
N ASN A 172 8.70 8.66 5.95
CA ASN A 172 9.33 9.39 4.84
C ASN A 172 10.74 9.83 5.26
N ILE A 173 11.69 9.67 4.35
CA ILE A 173 12.92 10.48 4.29
C ILE A 173 12.60 11.72 3.46
N MET A 174 13.01 12.88 3.95
CA MET A 174 12.64 14.22 3.45
C MET A 174 13.91 15.06 3.38
N GLY A 175 13.82 16.14 2.61
CA GLY A 175 14.91 17.11 2.38
C GLY A 175 15.60 16.85 1.07
N GLU A 176 16.84 17.36 0.95
CA GLU A 176 17.72 17.10 -0.22
C GLU A 176 18.20 15.67 -0.12
N HIS A 177 17.93 14.83 -1.12
CA HIS A 177 18.54 13.48 -1.24
C HIS A 177 20.05 13.68 -1.04
N GLY A 178 20.63 13.02 -0.02
CA GLY A 178 22.07 13.09 0.34
C GLY A 178 22.24 13.25 1.84
N ASP A 179 23.34 13.83 2.27
CA ASP A 179 23.83 13.83 3.67
C ASP A 179 22.95 14.71 4.58
N SER A 180 22.29 15.75 4.04
CA SER A 180 21.45 16.72 4.80
C SER A 180 19.99 16.23 5.05
N GLU A 181 19.61 15.08 4.51
CA GLU A 181 18.23 14.55 4.51
C GLU A 181 17.92 14.03 5.90
N PHE A 182 16.63 13.91 6.20
CA PHE A 182 16.17 13.37 7.48
C PHE A 182 14.93 12.49 7.31
N ALA A 183 14.77 11.59 8.27
CA ALA A 183 13.55 10.79 8.58
C ALA A 183 12.53 11.64 9.35
N ALA A 184 11.38 11.91 8.73
CA ALA A 184 10.20 12.58 9.32
C ALA A 184 9.51 11.60 10.29
N TYR A 185 10.20 11.28 11.40
CA TYR A 185 9.77 10.28 12.40
C TYR A 185 8.52 10.70 13.18
N SER A 186 8.29 11.99 13.44
CA SER A 186 7.14 12.51 14.23
C SER A 186 5.84 12.32 13.44
N SER A 187 5.85 12.54 12.10
CA SER A 187 4.72 12.29 11.18
C SER A 187 4.60 10.81 10.76
N ALA A 188 5.54 9.94 11.12
CA ALA A 188 5.57 8.54 10.65
C ALA A 188 4.62 7.68 11.51
N THR A 189 4.06 6.63 10.90
CA THR A 189 2.92 5.86 11.47
C THR A 189 2.92 4.40 10.95
N VAL A 190 2.34 3.51 11.74
CA VAL A 190 2.07 2.09 11.37
C VAL A 190 0.62 1.77 11.79
N GLY A 191 -0.27 1.61 10.80
CA GLY A 191 -1.73 1.50 10.94
C GLY A 191 -2.40 2.69 11.60
N GLY A 192 -1.79 3.88 11.56
CA GLY A 192 -2.28 5.11 12.21
C GLY A 192 -1.67 5.34 13.59
N LYS A 193 -0.90 4.39 14.16
CA LYS A 193 -0.17 4.54 15.46
C LYS A 193 1.09 5.39 15.26
N PRO A 194 1.31 6.49 16.02
CA PRO A 194 2.65 7.10 16.07
C PRO A 194 3.82 6.09 16.25
N LEU A 195 4.77 6.16 15.31
CA LEU A 195 6.01 5.41 15.28
C LEU A 195 6.86 5.70 16.52
N LEU A 196 6.89 6.93 17.03
CA LEU A 196 7.54 7.33 18.32
C LEU A 196 6.91 6.60 19.51
N ASP A 197 5.64 6.18 19.42
CA ASP A 197 4.96 5.39 20.47
C ASP A 197 5.38 3.93 20.31
N ILE A 198 5.37 3.40 19.07
CA ILE A 198 5.95 2.06 18.70
C ILE A 198 7.40 1.93 19.22
N ALA A 199 8.24 2.92 18.94
CA ALA A 199 9.63 3.09 19.45
C ALA A 199 9.69 2.93 20.99
N LYS A 200 8.81 3.59 21.76
CA LYS A 200 8.81 3.57 23.24
C LYS A 200 8.31 2.24 23.82
N ASP A 201 7.30 1.57 23.21
CA ASP A 201 6.85 0.21 23.61
C ASP A 201 7.90 -0.84 23.22
N GLU A 202 8.57 -0.66 22.07
CA GLU A 202 9.52 -1.66 21.52
C GLU A 202 10.91 -1.48 22.19
N GLY A 203 11.11 -0.47 23.04
CA GLY A 203 12.41 -0.18 23.69
C GLY A 203 13.43 0.29 22.66
N ILE A 204 12.98 1.03 21.64
CA ILE A 204 13.84 1.62 20.59
C ILE A 204 14.01 3.08 21.00
N SER A 205 15.20 3.48 21.46
CA SER A 205 15.49 4.84 22.01
C SER A 205 15.73 5.89 20.90
N GLU A 206 15.64 7.16 21.29
CA GLU A 206 15.88 8.41 20.48
C GLU A 206 17.17 8.25 19.66
N ASP A 207 18.22 7.80 20.34
CA ASP A 207 19.57 7.60 19.76
C ASP A 207 19.55 6.43 18.77
N GLU A 208 18.79 5.36 18.94
CA GLU A 208 18.75 4.24 17.95
C GLU A 208 18.07 4.73 16.65
N LEU A 209 17.10 5.62 16.78
CA LEU A 209 16.35 6.19 15.63
C LEU A 209 17.26 7.17 14.90
N LEU A 210 18.11 7.93 15.59
CA LEU A 210 19.05 8.86 14.92
C LEU A 210 20.11 8.05 14.17
N LYS A 211 20.49 6.87 14.69
CA LYS A 211 21.42 5.92 14.01
C LYS A 211 20.70 5.29 12.80
N ILE A 212 19.45 4.81 12.97
CA ILE A 212 18.65 4.24 11.84
C ILE A 212 18.61 5.30 10.71
N GLU A 213 18.36 6.56 11.07
CA GLU A 213 18.30 7.71 10.12
C GLU A 213 19.66 7.83 9.41
N ASP A 214 20.73 7.84 10.20
CA ASP A 214 22.13 7.96 9.71
C ASP A 214 22.49 6.74 8.85
N ASP A 215 22.12 5.52 9.28
CA ASP A 215 22.37 4.26 8.51
C ASP A 215 21.68 4.34 7.12
N VAL A 216 20.48 4.94 6.99
CA VAL A 216 19.85 5.20 5.66
C VAL A 216 20.77 6.07 4.79
N ARG A 217 21.37 7.13 5.34
CA ARG A 217 22.19 8.11 4.55
C ARG A 217 23.51 7.49 4.07
N ASN A 218 23.95 6.42 4.73
CA ASN A 218 25.22 5.68 4.52
C ASN A 218 25.01 4.38 3.74
N LYS A 219 23.75 3.95 3.47
CA LYS A 219 23.46 2.63 2.85
C LYS A 219 24.09 2.53 1.46
N ALA A 220 24.06 3.60 0.68
CA ALA A 220 24.64 3.69 -0.67
C ALA A 220 26.14 3.35 -0.61
N TYR A 221 26.87 4.02 0.26
CA TYR A 221 28.34 3.87 0.50
C TYR A 221 28.62 2.40 0.87
N GLU A 222 27.87 1.91 1.85
CA GLU A 222 28.01 0.56 2.42
C GLU A 222 27.76 -0.52 1.37
N ILE A 223 26.82 -0.29 0.44
CA ILE A 223 26.51 -1.20 -0.69
C ILE A 223 27.59 -1.03 -1.76
N ILE A 224 27.89 0.20 -2.20
CA ILE A 224 29.00 0.48 -3.16
C ILE A 224 30.28 -0.20 -2.64
N ASN A 225 30.60 -0.17 -1.34
CA ASN A 225 31.91 -0.69 -0.79
C ASN A 225 31.91 -2.22 -0.88
N ARG A 226 30.74 -2.86 -0.94
CA ARG A 226 30.62 -4.34 -1.00
C ARG A 226 30.61 -4.82 -2.45
N LYS A 227 29.82 -4.20 -3.32
CA LYS A 227 29.58 -4.81 -4.63
C LYS A 227 29.78 -3.79 -5.73
N GLY A 228 30.45 -2.67 -5.45
CA GLY A 228 30.91 -1.69 -6.46
C GLY A 228 29.88 -0.65 -6.83
N ALA A 229 28.58 -0.96 -6.76
CA ALA A 229 27.50 -0.03 -7.13
C ALA A 229 26.17 -0.43 -6.42
N THR A 230 25.22 0.48 -6.41
CA THR A 230 23.85 0.29 -5.85
C THR A 230 22.91 0.64 -6.98
N PHE A 231 21.90 -0.21 -7.30
CA PHE A 231 20.89 0.09 -8.36
C PHE A 231 19.47 -0.50 -8.17
N TYR A 232 19.25 -1.60 -7.47
CA TYR A 232 17.95 -2.33 -7.42
C TYR A 232 16.89 -1.49 -6.73
N GLY A 233 17.28 -0.77 -5.65
CA GLY A 233 16.46 0.18 -4.90
C GLY A 233 15.87 1.26 -5.79
N VAL A 234 16.71 1.97 -6.53
CA VAL A 234 16.24 3.19 -7.24
C VAL A 234 15.50 2.74 -8.52
N ALA A 235 15.99 1.68 -9.15
CA ALA A 235 15.35 0.97 -10.28
C ALA A 235 13.91 0.69 -9.93
N THR A 236 13.70 0.09 -8.75
CA THR A 236 12.33 -0.12 -8.16
C THR A 236 11.60 1.19 -7.90
N ALA A 237 12.18 2.17 -7.18
CA ALA A 237 11.54 3.46 -6.92
C ALA A 237 11.10 4.13 -8.22
N LEU A 238 11.96 4.09 -9.24
CA LEU A 238 11.63 4.67 -10.58
C LEU A 238 10.42 3.97 -11.23
N MET A 239 10.40 2.64 -11.25
CA MET A 239 9.28 1.78 -11.70
C MET A 239 7.98 2.18 -10.99
N ARG A 240 8.03 2.48 -9.67
CA ARG A 240 6.85 2.75 -8.81
C ARG A 240 6.29 4.13 -9.15
N ILE A 241 7.14 5.13 -9.35
CA ILE A 241 6.69 6.51 -9.69
C ILE A 241 6.13 6.46 -11.12
N SER A 242 6.83 5.74 -12.00
CA SER A 242 6.45 5.48 -13.42
C SER A 242 5.06 4.80 -13.52
N LYS A 243 4.77 3.80 -12.72
CA LYS A 243 3.38 3.20 -12.60
C LYS A 243 2.36 4.24 -12.09
N ALA A 244 2.62 5.06 -11.05
CA ALA A 244 1.64 6.10 -10.59
C ALA A 244 1.28 7.05 -11.74
N ILE A 245 2.24 7.38 -12.63
CA ILE A 245 2.00 8.32 -13.76
C ILE A 245 1.19 7.63 -14.86
N LEU A 246 1.66 6.51 -15.37
CA LEU A 246 1.07 5.75 -16.51
C LEU A 246 -0.29 5.14 -16.12
N ARG A 247 -0.57 4.87 -14.83
CA ARG A 247 -1.88 4.29 -14.41
C ARG A 247 -2.78 5.38 -13.83
N ASP A 248 -2.31 6.65 -13.85
CA ASP A 248 -2.98 7.88 -13.32
C ASP A 248 -3.46 7.62 -11.86
N GLU A 249 -2.59 7.08 -11.01
CA GLU A 249 -3.02 6.47 -9.73
C GLU A 249 -3.41 7.52 -8.68
N ASN A 250 -2.85 8.72 -8.70
CA ASN A 250 -2.99 9.68 -7.58
C ASN A 250 -2.50 9.00 -6.29
N SER A 251 -1.43 8.25 -6.39
CA SER A 251 -0.80 7.55 -5.26
C SER A 251 0.12 8.53 -4.53
N VAL A 252 0.21 8.40 -3.21
CA VAL A 252 1.04 9.23 -2.31
C VAL A 252 2.45 8.62 -2.33
N LEU A 253 3.45 9.31 -2.87
CA LEU A 253 4.87 8.83 -2.81
C LEU A 253 5.77 9.97 -2.34
N PRO A 254 6.84 9.65 -1.55
CA PRO A 254 7.89 10.61 -1.29
C PRO A 254 8.72 10.83 -2.57
N ILE A 255 8.89 12.10 -2.98
CA ILE A 255 9.55 12.48 -4.27
C ILE A 255 10.21 13.86 -4.11
N GLY A 256 11.04 14.29 -5.07
CA GLY A 256 11.54 15.67 -5.23
C GLY A 256 10.45 16.50 -5.89
N ALA A 257 9.73 17.26 -5.07
CA ALA A 257 8.43 17.86 -5.44
C ALA A 257 8.62 19.36 -5.55
N PRO A 258 7.98 20.04 -6.53
CA PRO A 258 8.18 21.47 -6.72
C PRO A 258 7.51 22.14 -5.50
N MET A 259 8.20 23.09 -4.86
CA MET A 259 7.74 23.86 -3.69
C MET A 259 7.08 25.16 -4.16
N ASN A 260 5.92 25.45 -3.55
CA ASN A 260 5.13 26.71 -3.70
C ASN A 260 4.57 27.14 -2.33
N GLY A 261 5.42 27.35 -1.31
CA GLY A 261 4.99 27.79 0.04
C GLY A 261 5.03 26.65 1.09
N GLU A 262 5.07 25.37 0.68
CA GLU A 262 5.09 24.25 1.66
C GLU A 262 6.46 24.29 2.37
N TYR A 263 6.49 24.15 3.71
CA TYR A 263 7.71 24.26 4.55
C TYR A 263 8.33 25.67 4.53
N GLY A 264 7.60 26.75 4.12
CA GLY A 264 8.17 28.10 3.90
C GLY A 264 9.22 28.16 2.76
N LEU A 265 9.09 27.27 1.75
CA LEU A 265 10.02 27.13 0.60
C LEU A 265 9.27 27.52 -0.68
N ASN A 266 9.98 28.03 -1.71
CA ASN A 266 9.48 28.32 -3.09
C ASN A 266 10.65 28.28 -4.07
N ASP A 267 10.34 28.00 -5.36
CA ASP A 267 11.32 27.93 -6.47
CA ASP A 267 11.28 27.87 -6.50
C ASP A 267 12.39 26.88 -6.12
N LEU A 268 11.98 25.72 -5.59
CA LEU A 268 12.86 24.57 -5.25
C LEU A 268 12.11 23.24 -5.42
N TYR A 269 12.81 22.20 -5.90
CA TYR A 269 12.42 20.77 -5.80
C TYR A 269 13.06 20.16 -4.56
N ILE A 270 12.27 19.45 -3.73
CA ILE A 270 12.77 18.85 -2.47
C ILE A 270 11.85 17.71 -1.99
N GLY A 271 12.46 16.79 -1.23
CA GLY A 271 11.87 15.51 -0.76
C GLY A 271 10.71 15.77 0.16
N THR A 272 9.49 15.44 -0.30
CA THR A 272 8.26 15.43 0.51
C THR A 272 7.35 14.32 -0.05
N PRO A 273 6.47 13.71 0.78
CA PRO A 273 5.35 12.97 0.22
C PRO A 273 4.50 13.88 -0.68
N ALA A 274 4.09 13.38 -1.83
CA ALA A 274 3.28 14.11 -2.85
C ALA A 274 2.38 13.09 -3.55
N VAL A 275 1.22 13.52 -4.02
CA VAL A 275 0.21 12.76 -4.82
C VAL A 275 0.65 12.84 -6.29
N VAL A 276 0.85 11.71 -6.95
CA VAL A 276 1.48 11.58 -8.28
C VAL A 276 0.45 11.00 -9.24
N ASN A 277 0.20 11.63 -10.40
CA ASN A 277 -0.71 11.02 -11.39
C ASN A 277 -0.20 11.22 -12.81
N ALA A 278 -1.07 11.05 -13.82
CA ALA A 278 -0.79 11.25 -15.28
C ALA A 278 -0.24 12.63 -15.62
N SER A 279 -0.49 13.67 -14.81
CA SER A 279 0.00 15.07 -14.99
C SER A 279 1.26 15.32 -14.15
N GLY A 280 1.85 14.26 -13.54
CA GLY A 280 3.06 14.34 -12.74
C GLY A 280 2.74 14.63 -11.28
N VAL A 281 3.27 15.74 -10.73
CA VAL A 281 2.98 16.11 -9.31
C VAL A 281 1.59 16.74 -9.29
N ALA A 282 0.63 16.03 -8.67
CA ALA A 282 -0.77 16.49 -8.47
C ALA A 282 -0.88 17.43 -7.25
N LYS A 283 -0.06 17.26 -6.22
CA LYS A 283 -0.41 17.73 -4.84
C LYS A 283 0.73 17.39 -3.93
N VAL A 284 1.32 18.41 -3.34
CA VAL A 284 2.44 18.24 -2.39
C VAL A 284 1.71 18.05 -1.09
N ILE A 285 2.10 17.03 -0.31
CA ILE A 285 1.61 16.87 1.09
C ILE A 285 2.65 17.55 1.99
N GLU A 286 2.24 18.60 2.67
CA GLU A 286 3.05 19.34 3.65
C GLU A 286 2.80 18.66 4.99
N VAL A 287 3.78 17.93 5.50
CA VAL A 287 3.56 17.06 6.71
C VAL A 287 4.00 17.88 7.94
N PRO A 288 3.44 17.68 9.16
CA PRO A 288 3.94 18.37 10.36
C PRO A 288 5.35 17.89 10.77
N LEU A 289 6.24 18.87 10.97
CA LEU A 289 7.63 18.69 11.45
C LEU A 289 7.69 19.09 12.92
N ASN A 290 8.28 18.24 13.76
CA ASN A 290 8.68 18.53 15.17
C ASN A 290 9.89 19.48 15.15
N ASP A 291 10.45 19.89 16.29
CA ASP A 291 11.42 21.04 16.30
C ASP A 291 12.72 20.63 15.58
N ARG A 292 13.24 19.40 15.75
CA ARG A 292 14.51 18.88 15.12
C ARG A 292 14.34 18.82 13.59
N GLU A 293 13.27 18.22 13.11
CA GLU A 293 13.09 17.98 11.66
C GLU A 293 12.63 19.29 10.97
N LYS A 294 11.93 20.22 11.65
CA LYS A 294 11.70 21.62 11.15
C LYS A 294 13.07 22.22 10.80
N LYS A 295 14.02 22.14 11.73
CA LYS A 295 15.39 22.72 11.58
C LYS A 295 16.19 21.91 10.52
N ALA A 296 16.04 20.57 10.40
CA ALA A 296 16.67 19.77 9.33
C ALA A 296 16.11 20.16 7.94
N MET A 297 14.79 20.33 7.80
CA MET A 297 14.18 20.76 6.49
C MET A 297 14.70 22.14 6.04
N ALA A 298 14.73 23.14 6.94
CA ALA A 298 15.24 24.50 6.69
C ALA A 298 16.72 24.49 6.25
N ASP A 299 17.55 23.85 7.05
CA ASP A 299 19.00 23.63 6.84
C ASP A 299 19.23 22.93 5.50
N SER A 300 18.58 21.80 5.24
CA SER A 300 18.69 21.02 3.97
C SER A 300 18.31 21.90 2.78
N ALA A 301 17.24 22.70 2.88
CA ALA A 301 16.62 23.44 1.75
C ALA A 301 17.46 24.70 1.40
N LYS A 302 17.87 25.47 2.40
CA LYS A 302 18.68 26.73 2.19
C LYS A 302 19.93 26.38 1.36
N GLN A 303 20.70 25.41 1.87
CA GLN A 303 21.88 24.72 1.28
C GLN A 303 21.57 24.38 -0.19
N LEU A 304 20.54 23.56 -0.44
CA LEU A 304 20.24 22.99 -1.78
C LEU A 304 19.95 24.14 -2.76
N GLU A 305 19.24 25.20 -2.30
CA GLU A 305 18.91 26.44 -3.05
C GLU A 305 20.18 27.15 -3.55
N GLU A 306 21.15 27.41 -2.68
CA GLU A 306 22.36 28.20 -3.07
C GLU A 306 23.14 27.43 -4.14
N VAL A 307 23.34 26.12 -3.94
CA VAL A 307 24.03 25.23 -4.91
C VAL A 307 23.22 25.17 -6.22
N ALA A 308 21.89 25.04 -6.19
CA ALA A 308 21.12 24.90 -7.46
C ALA A 308 21.20 26.22 -8.23
N LYS A 309 21.27 27.39 -7.56
CA LYS A 309 21.18 28.75 -8.19
C LYS A 309 22.57 29.12 -8.70
N ASN A 310 23.63 28.89 -7.92
CA ASN A 310 25.03 29.10 -8.38
C ASN A 310 25.30 28.19 -9.58
N GLY A 311 24.91 26.90 -9.49
CA GLY A 311 25.11 25.90 -10.57
C GLY A 311 24.44 26.32 -11.86
N MET A 312 23.19 26.76 -11.79
CA MET A 312 22.44 27.21 -12.99
C MET A 312 23.04 28.54 -13.47
N ALA A 313 23.41 29.43 -12.55
CA ALA A 313 24.14 30.68 -12.89
C ALA A 313 25.42 30.33 -13.66
N LYS A 314 26.20 29.36 -13.16
CA LYS A 314 27.47 28.91 -13.81
C LYS A 314 27.19 28.29 -15.19
N LEU A 315 26.25 27.33 -15.25
CA LEU A 315 25.87 26.65 -16.52
C LEU A 315 25.47 27.66 -17.61
N GLN A 316 24.90 28.81 -17.23
CA GLN A 316 24.00 29.53 -18.16
C GLN A 316 24.68 30.79 -18.71
N LYS B 3 2.80 -31.54 2.27
CA LYS B 3 1.85 -31.14 1.18
C LYS B 3 2.56 -30.10 0.30
N ASN B 4 2.16 -30.03 -0.98
CA ASN B 4 2.90 -29.40 -2.10
C ASN B 4 2.33 -28.00 -2.44
N HIS B 5 1.09 -27.69 -2.02
CA HIS B 5 0.35 -26.44 -2.40
C HIS B 5 -0.77 -26.11 -1.41
N GLN B 6 -1.31 -24.90 -1.50
CA GLN B 6 -2.13 -24.25 -0.46
C GLN B 6 -3.62 -24.46 -0.78
N LYS B 7 -4.38 -24.83 0.27
CA LYS B 7 -5.75 -25.35 0.24
C LYS B 7 -6.57 -24.41 1.08
N VAL B 8 -7.49 -23.71 0.44
CA VAL B 8 -8.50 -22.91 1.16
C VAL B 8 -9.79 -23.74 1.13
N VAL B 9 -10.53 -23.68 2.20
CA VAL B 9 -11.93 -24.22 2.27
C VAL B 9 -12.79 -23.00 2.49
N LEU B 10 -13.72 -22.74 1.57
CA LEU B 10 -14.85 -21.82 1.88
C LEU B 10 -16.01 -22.60 2.50
N VAL B 11 -16.59 -22.16 3.63
CA VAL B 11 -17.89 -22.70 4.11
C VAL B 11 -18.93 -21.60 3.95
N GLY B 12 -20.05 -21.92 3.26
CA GLY B 12 -21.05 -20.89 2.91
C GLY B 12 -20.79 -20.34 1.52
N ASP B 13 -21.63 -20.72 0.55
CA ASP B 13 -21.45 -20.37 -0.89
C ASP B 13 -22.64 -19.53 -1.32
N GLY B 14 -23.00 -18.51 -0.54
CA GLY B 14 -23.94 -17.44 -0.91
C GLY B 14 -23.25 -16.42 -1.77
N ALA B 15 -23.76 -15.20 -1.81
CA ALA B 15 -23.24 -14.16 -2.72
C ALA B 15 -21.85 -13.74 -2.22
N VAL B 16 -21.67 -13.63 -0.89
CA VAL B 16 -20.38 -13.20 -0.26
C VAL B 16 -19.31 -14.23 -0.58
N GLY B 17 -19.61 -15.50 -0.26
CA GLY B 17 -18.72 -16.65 -0.45
C GLY B 17 -18.35 -16.91 -1.90
N SER B 18 -19.33 -16.79 -2.82
CA SER B 18 -19.14 -17.03 -4.26
C SER B 18 -18.14 -16.05 -4.82
N SER B 19 -18.40 -14.75 -4.57
CA SER B 19 -17.57 -13.54 -4.88
C SER B 19 -16.14 -13.70 -4.34
N TYR B 20 -16.01 -14.10 -3.09
CA TYR B 20 -14.69 -14.43 -2.48
C TYR B 20 -13.99 -15.45 -3.36
N ALA B 21 -14.66 -16.56 -3.73
CA ALA B 21 -14.02 -17.65 -4.49
C ALA B 21 -13.54 -17.09 -5.84
N PHE B 22 -14.39 -16.32 -6.51
CA PHE B 22 -14.05 -15.66 -7.79
C PHE B 22 -12.87 -14.68 -7.60
N ALA B 23 -12.84 -13.89 -6.55
CA ALA B 23 -11.78 -12.90 -6.28
C ALA B 23 -10.49 -13.66 -6.07
N MET B 24 -10.52 -14.81 -5.36
CA MET B 24 -9.30 -15.63 -5.19
C MET B 24 -8.96 -16.29 -6.53
N ALA B 25 -9.93 -16.62 -7.40
CA ALA B 25 -9.60 -17.13 -8.74
C ALA B 25 -8.85 -16.08 -9.55
N GLN B 26 -9.26 -14.80 -9.53
CA GLN B 26 -8.64 -13.70 -10.33
C GLN B 26 -7.21 -13.44 -9.87
N GLN B 27 -7.02 -13.42 -8.55
CA GLN B 27 -5.75 -13.14 -7.84
C GLN B 27 -4.75 -14.30 -7.93
N GLY B 28 -5.13 -15.51 -8.38
CA GLY B 28 -4.26 -16.71 -8.36
C GLY B 28 -3.68 -17.03 -6.97
N ILE B 29 -4.50 -16.94 -5.93
CA ILE B 29 -4.20 -17.27 -4.50
C ILE B 29 -4.93 -18.58 -4.12
N ALA B 30 -4.16 -19.55 -3.63
CA ALA B 30 -4.53 -20.90 -3.19
C ALA B 30 -4.67 -21.76 -4.43
N GLU B 31 -3.99 -22.90 -4.47
CA GLU B 31 -3.93 -23.80 -5.65
C GLU B 31 -5.14 -24.76 -5.58
N GLU B 32 -5.82 -24.89 -4.44
CA GLU B 32 -6.91 -25.88 -4.21
C GLU B 32 -7.97 -25.15 -3.41
N PHE B 33 -9.24 -25.24 -3.79
CA PHE B 33 -10.33 -24.40 -3.22
C PHE B 33 -11.55 -25.28 -3.06
N ALA B 34 -11.89 -25.66 -1.84
CA ALA B 34 -13.00 -26.55 -1.46
C ALA B 34 -14.21 -25.71 -1.11
N ILE B 35 -15.40 -26.06 -1.63
CA ILE B 35 -16.66 -25.30 -1.36
C ILE B 35 -17.60 -26.21 -0.56
N VAL B 36 -17.94 -25.82 0.64
CA VAL B 36 -18.78 -26.62 1.56
C VAL B 36 -20.08 -25.82 1.80
N ASP B 37 -21.23 -26.34 1.42
CA ASP B 37 -22.57 -25.88 1.91
C ASP B 37 -23.57 -27.05 1.94
N ILE B 38 -24.75 -26.80 2.51
CA ILE B 38 -25.91 -27.74 2.64
C ILE B 38 -26.34 -28.21 1.24
N ILE B 39 -26.69 -27.31 0.31
CA ILE B 39 -27.29 -27.75 -1.00
C ILE B 39 -26.14 -28.07 -1.97
N LYS B 40 -25.83 -29.37 -2.10
CA LYS B 40 -24.62 -29.87 -2.79
C LYS B 40 -24.72 -29.58 -4.29
N GLU B 41 -25.95 -29.58 -4.86
CA GLU B 41 -26.16 -29.29 -6.29
C GLU B 41 -25.70 -27.83 -6.59
N ARG B 42 -25.85 -26.88 -5.68
CA ARG B 42 -25.44 -25.45 -5.86
C ARG B 42 -23.91 -25.28 -5.74
N THR B 43 -23.31 -25.94 -4.74
CA THR B 43 -21.86 -25.79 -4.44
C THR B 43 -21.11 -26.45 -5.60
N GLU B 44 -21.67 -27.54 -6.19
CA GLU B 44 -21.16 -28.17 -7.41
C GLU B 44 -21.26 -27.22 -8.61
N GLY B 45 -22.46 -26.69 -8.91
CA GLY B 45 -22.67 -25.73 -10.01
C GLY B 45 -21.67 -24.59 -9.93
N ASP B 46 -21.42 -24.13 -8.73
CA ASP B 46 -20.50 -22.99 -8.48
C ASP B 46 -19.06 -23.37 -8.76
N ALA B 47 -18.59 -24.54 -8.32
CA ALA B 47 -17.23 -25.04 -8.67
C ALA B 47 -17.09 -25.14 -10.21
N MET B 48 -18.11 -25.69 -10.89
CA MET B 48 -18.15 -25.82 -12.38
C MET B 48 -18.04 -24.46 -13.06
N ASP B 49 -18.67 -23.43 -12.51
CA ASP B 49 -18.72 -22.07 -13.07
C ASP B 49 -17.38 -21.39 -12.81
N LEU B 50 -16.88 -21.47 -11.57
CA LEU B 50 -15.63 -20.83 -11.09
C LEU B 50 -14.42 -21.43 -11.80
N GLU B 51 -14.43 -22.75 -12.09
CA GLU B 51 -13.39 -23.52 -12.85
C GLU B 51 -12.99 -22.78 -14.14
N ASP B 52 -14.03 -22.29 -14.83
CA ASP B 52 -13.90 -21.76 -16.20
C ASP B 52 -12.94 -20.57 -16.25
N ALA B 53 -12.85 -19.77 -15.19
CA ALA B 53 -11.90 -18.65 -15.01
C ALA B 53 -10.44 -19.09 -15.04
N THR B 54 -10.12 -20.28 -14.53
CA THR B 54 -8.73 -20.78 -14.37
C THR B 54 -8.03 -20.97 -15.72
N ALA B 55 -8.74 -20.98 -16.84
CA ALA B 55 -8.15 -20.93 -18.21
C ALA B 55 -7.50 -19.55 -18.52
N PHE B 56 -7.79 -18.47 -17.79
CA PHE B 56 -7.21 -17.12 -18.06
C PHE B 56 -6.43 -16.56 -16.87
N THR B 57 -6.72 -17.01 -15.67
CA THR B 57 -6.02 -16.70 -14.39
C THR B 57 -5.00 -17.81 -14.11
N ALA B 58 -4.46 -17.90 -12.89
CA ALA B 58 -3.54 -18.97 -12.44
C ALA B 58 -4.31 -20.29 -12.31
N PRO B 59 -3.68 -21.49 -12.39
CA PRO B 59 -4.39 -22.74 -12.13
C PRO B 59 -4.94 -22.86 -10.70
N LYS B 60 -6.05 -23.59 -10.59
CA LYS B 60 -6.74 -23.76 -9.28
C LYS B 60 -7.63 -24.99 -9.38
N ASN B 61 -7.55 -25.91 -8.42
CA ASN B 61 -8.46 -27.08 -8.39
C ASN B 61 -9.59 -26.72 -7.44
N ILE B 62 -10.73 -26.36 -8.01
CA ILE B 62 -11.95 -25.92 -7.28
C ILE B 62 -12.92 -27.09 -7.43
N TYR B 63 -13.50 -27.52 -6.31
CA TYR B 63 -14.46 -28.61 -6.21
C TYR B 63 -15.38 -28.36 -5.00
N SER B 64 -16.59 -28.88 -5.10
CA SER B 64 -17.56 -28.98 -3.97
C SER B 64 -17.12 -30.09 -3.01
N ALA B 65 -17.16 -29.86 -1.70
CA ALA B 65 -16.81 -30.88 -0.67
C ALA B 65 -17.78 -30.83 0.51
N ASP B 66 -17.49 -31.68 1.50
CA ASP B 66 -18.03 -31.71 2.88
C ASP B 66 -16.92 -31.29 3.83
N TYR B 67 -17.28 -31.12 5.12
CA TYR B 67 -16.46 -30.65 6.28
C TYR B 67 -15.13 -31.39 6.46
N ASP B 68 -15.09 -32.70 6.19
CA ASP B 68 -13.87 -33.58 6.23
C ASP B 68 -12.69 -33.04 5.40
N THR B 69 -12.95 -32.33 4.29
CA THR B 69 -11.92 -31.71 3.40
C THR B 69 -10.97 -30.82 4.22
N CYS B 70 -11.42 -30.31 5.35
CA CYS B 70 -10.65 -29.42 6.24
C CYS B 70 -9.45 -30.14 6.87
N LYS B 71 -9.40 -31.47 7.00
CA LYS B 71 -8.24 -32.17 7.62
C LYS B 71 -6.91 -31.54 7.12
N ASP B 72 -6.74 -31.30 5.80
CA ASP B 72 -5.48 -30.78 5.17
C ASP B 72 -5.68 -29.33 4.69
N ALA B 73 -6.58 -28.56 5.32
CA ALA B 73 -6.82 -27.15 4.95
C ALA B 73 -5.79 -26.24 5.63
N ASP B 74 -5.37 -25.17 4.95
CA ASP B 74 -4.50 -24.12 5.56
C ASP B 74 -5.42 -23.05 6.11
N LEU B 75 -6.62 -22.95 5.54
CA LEU B 75 -7.49 -21.78 5.69
C LEU B 75 -8.94 -22.23 5.49
N VAL B 76 -9.78 -21.97 6.48
CA VAL B 76 -11.25 -22.11 6.48
C VAL B 76 -11.84 -20.70 6.61
N VAL B 77 -12.68 -20.34 5.63
CA VAL B 77 -13.37 -19.05 5.53
C VAL B 77 -14.84 -19.36 5.79
N ILE B 78 -15.39 -18.78 6.86
CA ILE B 78 -16.77 -19.03 7.35
C ILE B 78 -17.62 -17.80 7.04
N THR B 79 -18.46 -17.93 6.02
CA THR B 79 -19.46 -16.92 5.61
C THR B 79 -20.86 -17.48 5.92
N ALA B 80 -20.91 -18.67 6.51
CA ALA B 80 -22.13 -19.45 6.86
C ALA B 80 -23.00 -18.66 7.84
N GLY B 81 -24.27 -18.46 7.52
CA GLY B 81 -25.22 -17.79 8.41
C GLY B 81 -26.45 -17.43 7.60
N ALA B 82 -27.58 -17.23 8.28
CA ALA B 82 -28.86 -16.77 7.65
C ALA B 82 -28.93 -15.25 7.78
N PRO B 83 -29.49 -14.51 6.77
CA PRO B 83 -29.73 -13.07 6.89
C PRO B 83 -30.85 -12.66 7.87
N GLN B 84 -31.05 -11.35 8.06
CA GLN B 84 -32.02 -10.81 9.06
C GLN B 84 -33.39 -10.75 8.37
N LYS B 85 -34.28 -11.70 8.72
CA LYS B 85 -35.66 -11.83 8.20
C LYS B 85 -36.49 -10.74 8.85
N PRO B 86 -37.49 -10.12 8.17
CA PRO B 86 -38.23 -9.00 8.78
C PRO B 86 -39.12 -9.58 9.88
N GLY B 87 -39.18 -8.89 11.02
CA GLY B 87 -39.77 -9.41 12.28
C GLY B 87 -38.84 -10.35 13.04
N GLU B 88 -37.58 -10.48 12.60
CA GLU B 88 -36.51 -11.13 13.36
C GLU B 88 -35.75 -9.95 13.97
N THR B 89 -35.56 -9.96 15.29
CA THR B 89 -34.77 -8.96 16.06
C THR B 89 -33.29 -9.37 15.90
N ARG B 90 -32.38 -8.53 16.39
CA ARG B 90 -30.91 -8.79 16.31
C ARG B 90 -30.59 -9.98 17.21
N LEU B 91 -31.30 -10.08 18.34
CA LEU B 91 -31.07 -11.17 19.34
C LEU B 91 -31.49 -12.50 18.70
N GLN B 92 -32.61 -12.55 17.97
CA GLN B 92 -32.99 -13.81 17.23
C GLN B 92 -31.97 -14.11 16.11
N LEU B 93 -31.55 -13.10 15.34
CA LEU B 93 -30.49 -13.28 14.31
C LEU B 93 -29.27 -13.88 14.98
N VAL B 94 -28.85 -13.32 16.13
CA VAL B 94 -27.67 -13.80 16.93
C VAL B 94 -27.89 -15.27 17.31
N ASP B 95 -29.05 -15.59 17.91
CA ASP B 95 -29.33 -16.96 18.42
C ASP B 95 -29.38 -17.95 17.23
N LYS B 96 -30.02 -17.60 16.11
CA LYS B 96 -30.08 -18.46 14.90
C LYS B 96 -28.65 -18.70 14.36
N ASN B 97 -27.79 -17.69 14.37
CA ASN B 97 -26.49 -17.76 13.64
C ASN B 97 -25.46 -18.50 14.48
N LEU B 98 -25.54 -18.36 15.82
CA LEU B 98 -24.70 -19.13 16.79
C LEU B 98 -24.90 -20.63 16.60
N LYS B 99 -26.16 -21.07 16.48
CA LYS B 99 -26.51 -22.51 16.21
C LYS B 99 -25.98 -22.94 14.83
N ILE B 100 -25.96 -22.08 13.83
CA ILE B 100 -25.38 -22.39 12.48
C ILE B 100 -23.86 -22.55 12.63
N ILE B 101 -23.21 -21.64 13.34
CA ILE B 101 -21.72 -21.63 13.46
C ILE B 101 -21.27 -22.84 14.32
N LYS B 102 -22.03 -23.20 15.38
CA LYS B 102 -21.73 -24.44 16.15
C LYS B 102 -21.75 -25.65 15.21
N SER B 103 -22.70 -25.72 14.26
CA SER B 103 -22.87 -26.88 13.34
C SER B 103 -21.78 -26.88 12.26
N VAL B 104 -21.03 -25.79 12.05
CA VAL B 104 -19.89 -25.70 11.09
C VAL B 104 -18.58 -26.03 11.84
N VAL B 105 -18.33 -25.39 12.99
CA VAL B 105 -17.03 -25.49 13.76
C VAL B 105 -16.77 -26.93 14.22
N GLU B 106 -17.80 -27.62 14.73
CA GLU B 106 -17.64 -28.92 15.41
C GLU B 106 -17.11 -29.94 14.40
N PRO B 107 -17.74 -30.10 13.19
CA PRO B 107 -17.21 -31.05 12.21
C PRO B 107 -15.87 -30.69 11.52
N ILE B 108 -15.57 -29.38 11.40
CA ILE B 108 -14.25 -28.88 10.92
C ILE B 108 -13.21 -29.36 11.94
N VAL B 109 -13.41 -29.10 13.21
CA VAL B 109 -12.46 -29.49 14.29
C VAL B 109 -12.39 -31.03 14.37
N LYS B 110 -13.49 -31.75 14.23
CA LYS B 110 -13.49 -33.25 14.19
C LYS B 110 -12.64 -33.77 13.01
N SER B 111 -12.59 -33.06 11.87
CA SER B 111 -11.76 -33.50 10.69
C SER B 111 -10.25 -33.49 11.00
N GLY B 112 -9.80 -32.80 12.06
CA GLY B 112 -8.38 -32.66 12.46
C GLY B 112 -7.72 -31.48 11.75
N PHE B 113 -8.52 -30.54 11.23
CA PHE B 113 -8.09 -29.21 10.71
C PHE B 113 -7.30 -28.52 11.80
N ASP B 114 -6.13 -27.99 11.42
CA ASP B 114 -5.18 -27.28 12.32
C ASP B 114 -4.57 -26.09 11.57
N GLY B 115 -5.35 -25.47 10.67
CA GLY B 115 -5.00 -24.27 9.90
C GLY B 115 -5.51 -23.03 10.59
N ILE B 116 -5.90 -22.01 9.82
CA ILE B 116 -6.41 -20.71 10.36
C ILE B 116 -7.88 -20.51 9.89
N PHE B 117 -8.67 -19.94 10.79
CA PHE B 117 -10.07 -19.56 10.55
C PHE B 117 -9.99 -18.11 10.12
N LEU B 118 -10.77 -17.73 9.13
CA LEU B 118 -11.21 -16.34 8.95
C LEU B 118 -12.73 -16.36 8.98
N VAL B 119 -13.34 -15.56 9.82
CA VAL B 119 -14.80 -15.64 10.07
C VAL B 119 -15.37 -14.37 9.48
N ALA B 120 -16.38 -14.53 8.63
CA ALA B 120 -17.02 -13.40 7.92
C ALA B 120 -18.53 -13.39 8.15
N ALA B 121 -19.12 -14.36 8.87
CA ALA B 121 -20.59 -14.46 8.99
C ALA B 121 -20.98 -13.37 9.95
N ASN B 122 -22.14 -12.78 9.74
CA ASN B 122 -22.68 -11.66 10.52
C ASN B 122 -23.52 -12.26 11.65
N PRO B 123 -23.57 -11.64 12.85
CA PRO B 123 -22.75 -10.48 13.21
C PRO B 123 -21.32 -10.94 13.55
N VAL B 124 -20.29 -10.29 12.95
CA VAL B 124 -19.01 -11.01 12.68
C VAL B 124 -18.15 -11.08 13.95
N ASP B 125 -18.24 -10.09 14.82
CA ASP B 125 -17.42 -10.01 16.05
C ASP B 125 -17.98 -10.94 17.13
N ILE B 126 -19.34 -11.06 17.25
CA ILE B 126 -19.99 -12.14 18.04
C ILE B 126 -19.57 -13.50 17.49
N LEU B 127 -19.57 -13.70 16.18
CA LEU B 127 -19.37 -15.07 15.65
C LEU B 127 -17.90 -15.44 15.59
N THR B 128 -16.98 -14.47 15.50
CA THR B 128 -15.51 -14.71 15.68
C THR B 128 -15.26 -15.18 17.10
N TYR B 129 -15.85 -14.53 18.09
CA TYR B 129 -15.83 -14.93 19.51
C TYR B 129 -16.26 -16.38 19.65
N ALA B 130 -17.45 -16.69 19.10
CA ALA B 130 -18.09 -18.02 19.15
C ALA B 130 -17.17 -19.03 18.48
N VAL B 131 -16.61 -18.71 17.29
CA VAL B 131 -15.78 -19.70 16.55
C VAL B 131 -14.57 -20.15 17.40
N GLN B 132 -13.95 -19.21 18.13
CA GLN B 132 -12.78 -19.42 19.07
C GLN B 132 -13.24 -20.28 20.28
N LYS B 133 -14.41 -19.98 20.87
CA LYS B 133 -14.99 -20.71 22.03
C LYS B 133 -15.28 -22.16 21.66
N LEU B 134 -15.90 -22.37 20.51
CA LEU B 134 -16.35 -23.69 20.03
C LEU B 134 -15.21 -24.53 19.54
N SER B 135 -14.18 -23.95 18.88
CA SER B 135 -13.07 -24.75 18.32
C SER B 135 -12.02 -25.15 19.37
N GLY B 136 -11.82 -24.34 20.42
CA GLY B 136 -10.69 -24.43 21.36
C GLY B 136 -9.41 -23.86 20.77
N PHE B 137 -9.43 -23.30 19.54
CA PHE B 137 -8.19 -22.90 18.81
C PHE B 137 -7.56 -21.73 19.56
N PRO B 138 -6.20 -21.60 19.65
CA PRO B 138 -5.58 -20.35 20.07
C PRO B 138 -6.22 -19.13 19.37
N LYS B 139 -6.32 -18.01 20.08
CA LYS B 139 -7.11 -16.81 19.74
C LYS B 139 -6.55 -16.13 18.48
N ASN B 140 -5.24 -16.14 18.32
CA ASN B 140 -4.52 -15.57 17.17
C ASN B 140 -4.83 -16.39 15.88
N LYS B 141 -5.19 -17.70 15.95
CA LYS B 141 -5.57 -18.54 14.75
C LYS B 141 -7.07 -18.46 14.36
N VAL B 142 -7.83 -17.54 14.93
CA VAL B 142 -9.22 -17.15 14.56
C VAL B 142 -9.14 -15.68 14.23
N VAL B 143 -9.21 -15.40 12.92
CA VAL B 143 -9.10 -14.00 12.42
C VAL B 143 -10.51 -13.55 12.06
N GLY B 144 -10.92 -12.40 12.54
CA GLY B 144 -12.25 -11.84 12.24
C GLY B 144 -12.15 -10.86 11.06
N SER B 145 -13.18 -10.83 10.23
CA SER B 145 -13.27 -9.91 9.08
C SER B 145 -13.53 -8.55 9.66
N GLY B 146 -14.37 -8.48 10.69
CA GLY B 146 -14.54 -7.31 11.56
C GLY B 146 -14.76 -6.06 10.74
N THR B 147 -13.98 -5.01 10.99
CA THR B 147 -14.20 -3.66 10.39
C THR B 147 -13.28 -3.47 9.16
N SER B 148 -12.88 -4.55 8.49
CA SER B 148 -12.08 -4.51 7.23
C SER B 148 -12.87 -3.80 6.09
N LEU B 149 -14.01 -4.36 5.73
CA LEU B 149 -14.96 -3.77 4.75
C LEU B 149 -15.22 -2.31 5.07
N ASP B 150 -15.67 -1.97 6.29
CA ASP B 150 -16.19 -0.60 6.55
C ASP B 150 -15.00 0.35 6.59
N SER B 151 -13.83 -0.14 7.01
CA SER B 151 -12.55 0.60 6.83
C SER B 151 -12.37 0.90 5.35
N ALA B 152 -12.45 -0.13 4.48
CA ALA B 152 -12.37 -0.02 2.98
C ALA B 152 -13.36 1.01 2.47
N ARG B 153 -14.58 0.98 2.99
CA ARG B 153 -15.60 2.01 2.66
C ARG B 153 -15.17 3.44 3.10
N LEU B 154 -14.69 3.64 4.33
CA LEU B 154 -14.22 4.97 4.83
C LEU B 154 -13.12 5.41 3.90
N ARG B 155 -12.20 4.49 3.56
CA ARG B 155 -11.05 4.81 2.70
C ARG B 155 -11.50 5.24 1.30
N VAL B 156 -12.45 4.53 0.71
CA VAL B 156 -12.92 4.87 -0.65
C VAL B 156 -13.63 6.23 -0.61
N ALA B 157 -14.37 6.55 0.47
CA ALA B 157 -15.12 7.81 0.59
C ALA B 157 -14.10 8.94 0.81
N LEU B 158 -13.10 8.72 1.67
CA LEU B 158 -12.12 9.80 1.89
C LEU B 158 -11.23 10.00 0.65
N GLY B 159 -10.97 8.94 -0.14
CA GLY B 159 -10.30 9.00 -1.45
C GLY B 159 -10.93 9.95 -2.46
N LYS B 160 -12.23 9.80 -2.66
CA LYS B 160 -13.02 10.59 -3.62
C LYS B 160 -13.03 12.06 -3.18
N LYS B 161 -13.26 12.33 -1.89
CA LYS B 161 -13.24 13.68 -1.26
C LYS B 161 -11.86 14.37 -1.40
N LEU B 162 -10.73 13.62 -1.34
CA LEU B 162 -9.37 14.24 -1.43
C LEU B 162 -8.67 13.98 -2.78
N ASP B 163 -9.22 13.17 -3.70
CA ASP B 163 -8.58 12.73 -4.98
C ASP B 163 -7.25 12.06 -4.64
N VAL B 164 -7.30 11.08 -3.73
CA VAL B 164 -6.15 10.22 -3.31
C VAL B 164 -6.57 8.76 -3.53
N ASP B 165 -5.79 8.01 -4.30
CA ASP B 165 -5.74 6.53 -4.24
C ASP B 165 -6.15 6.10 -2.82
N PRO B 166 -7.33 5.49 -2.71
CA PRO B 166 -7.83 4.84 -1.49
C PRO B 166 -6.84 4.00 -0.67
N ARG B 167 -5.86 3.32 -1.32
CA ARG B 167 -4.76 2.54 -0.66
C ARG B 167 -3.84 3.40 0.21
N ASP B 168 -3.73 4.72 -0.01
CA ASP B 168 -2.83 5.63 0.78
C ASP B 168 -3.59 6.42 1.85
N VAL B 169 -4.92 6.32 1.91
CA VAL B 169 -5.71 6.81 3.07
C VAL B 169 -5.56 5.78 4.20
N ILE B 170 -4.70 6.04 5.20
CA ILE B 170 -4.57 5.22 6.44
C ILE B 170 -5.66 5.69 7.44
N ALA B 171 -6.87 5.16 7.23
CA ALA B 171 -8.11 5.54 7.96
C ALA B 171 -8.82 4.26 8.38
N ASN B 172 -9.14 4.12 9.67
CA ASN B 172 -9.63 2.84 10.26
C ASN B 172 -11.02 3.10 10.81
N ILE B 173 -11.97 2.25 10.45
CA ILE B 173 -13.23 2.06 11.19
C ILE B 173 -12.93 1.01 12.26
N MET B 174 -13.34 1.31 13.50
CA MET B 174 -12.97 0.52 14.69
C MET B 174 -14.22 0.31 15.52
N GLY B 175 -14.18 -0.72 16.34
CA GLY B 175 -15.26 -1.13 17.27
C GLY B 175 -15.88 -2.41 16.75
N GLU B 176 -17.08 -2.71 17.24
CA GLU B 176 -17.99 -3.78 16.73
C GLU B 176 -18.48 -3.35 15.35
N HIS B 177 -18.19 -4.16 14.32
CA HIS B 177 -18.78 -4.05 12.97
C HIS B 177 -20.28 -3.90 13.16
N GLY B 178 -20.86 -2.79 12.68
CA GLY B 178 -22.31 -2.50 12.84
C GLY B 178 -22.53 -1.09 13.31
N ASP B 179 -23.68 -0.78 13.90
CA ASP B 179 -24.14 0.63 14.15
C ASP B 179 -23.26 1.35 15.20
N SER B 180 -22.65 0.61 16.14
CA SER B 180 -21.81 1.15 17.26
C SER B 180 -20.34 1.41 16.86
N GLU B 181 -19.90 0.97 15.68
CA GLU B 181 -18.58 1.36 15.07
C GLU B 181 -18.36 2.88 14.85
N PHE B 182 -17.09 3.28 14.79
CA PHE B 182 -16.63 4.67 14.53
C PHE B 182 -15.36 4.65 13.65
N ALA B 183 -15.15 5.76 12.95
CA ALA B 183 -13.91 6.17 12.25
C ALA B 183 -12.91 6.80 13.25
N ALA B 184 -11.77 6.14 13.44
CA ALA B 184 -10.56 6.64 14.16
C ALA B 184 -9.87 7.71 13.30
N TYR B 185 -10.53 8.86 13.13
CA TYR B 185 -10.05 10.04 12.36
C TYR B 185 -8.83 10.71 13.00
N SER B 186 -8.63 10.74 14.32
CA SER B 186 -7.48 11.43 14.99
C SER B 186 -6.17 10.66 14.73
N SER B 187 -6.23 9.33 14.62
CA SER B 187 -5.08 8.45 14.22
C SER B 187 -4.93 8.36 12.69
N ALA B 188 -5.88 8.89 11.89
CA ALA B 188 -5.89 8.70 10.43
C ALA B 188 -4.97 9.73 9.77
N THR B 189 -4.26 9.30 8.73
CA THR B 189 -3.23 10.09 8.00
C THR B 189 -3.26 9.77 6.51
N VAL B 190 -2.83 10.73 5.71
CA VAL B 190 -2.42 10.55 4.29
C VAL B 190 -1.01 11.13 4.12
N GLY B 191 -0.04 10.31 3.72
CA GLY B 191 1.38 10.72 3.54
C GLY B 191 2.09 11.06 4.84
N GLY B 192 1.58 10.61 5.98
CA GLY B 192 2.07 10.96 7.33
C GLY B 192 1.29 12.12 7.95
N LYS B 193 0.51 12.88 7.16
CA LYS B 193 -0.16 14.15 7.51
C LYS B 193 -1.51 13.81 8.15
N PRO B 194 -1.83 14.26 9.39
CA PRO B 194 -3.17 13.99 9.94
C PRO B 194 -4.35 14.37 9.02
N LEU B 195 -5.34 13.48 9.03
CA LEU B 195 -6.58 13.65 8.24
C LEU B 195 -7.40 14.84 8.77
N LEU B 196 -7.40 15.09 10.07
CA LEU B 196 -8.05 16.29 10.68
C LEU B 196 -7.34 17.58 10.30
N ASP B 197 -6.07 17.53 9.88
CA ASP B 197 -5.37 18.71 9.32
C ASP B 197 -5.79 18.91 7.85
N ILE B 198 -5.82 17.82 7.05
CA ILE B 198 -6.36 17.77 5.66
C ILE B 198 -7.80 18.32 5.64
N ALA B 199 -8.66 17.86 6.56
CA ALA B 199 -10.04 18.33 6.84
C ALA B 199 -10.09 19.86 6.96
N LYS B 200 -9.19 20.47 7.77
CA LYS B 200 -9.21 21.92 8.08
C LYS B 200 -8.71 22.75 6.88
N ASP B 201 -7.69 22.29 6.13
CA ASP B 201 -7.22 22.96 4.88
C ASP B 201 -8.23 22.79 3.74
N GLU B 202 -8.90 21.64 3.64
CA GLU B 202 -9.89 21.33 2.57
C GLU B 202 -11.28 21.92 2.90
N GLY B 203 -11.45 22.62 4.04
CA GLY B 203 -12.72 23.22 4.51
C GLY B 203 -13.78 22.17 4.79
N ILE B 204 -13.38 21.02 5.32
CA ILE B 204 -14.24 19.84 5.63
C ILE B 204 -14.43 19.91 7.15
N SER B 205 -15.66 20.22 7.58
CA SER B 205 -16.05 20.45 8.99
C SER B 205 -16.13 19.11 9.77
N GLU B 206 -16.04 19.17 11.11
CA GLU B 206 -16.45 18.11 12.08
C GLU B 206 -17.81 17.49 11.69
N ASP B 207 -18.75 18.38 11.41
CA ASP B 207 -20.07 18.15 10.77
C ASP B 207 -20.05 17.10 9.64
N GLU B 208 -19.27 17.38 8.60
CA GLU B 208 -19.19 16.56 7.36
C GLU B 208 -18.58 15.21 7.72
N LEU B 209 -17.60 15.19 8.61
CA LEU B 209 -16.84 13.96 8.97
C LEU B 209 -17.75 13.03 9.76
N LEU B 210 -18.66 13.58 10.57
CA LEU B 210 -19.59 12.72 11.32
C LEU B 210 -20.62 12.12 10.38
N LYS B 211 -20.99 12.84 9.31
CA LYS B 211 -21.90 12.30 8.25
C LYS B 211 -21.12 11.29 7.40
N ILE B 212 -19.87 11.60 6.97
CA ILE B 212 -18.99 10.64 6.24
C ILE B 212 -18.97 9.31 7.03
N GLU B 213 -18.76 9.41 8.36
CA GLU B 213 -18.75 8.26 9.31
C GLU B 213 -20.10 7.53 9.24
N ASP B 214 -21.18 8.28 9.35
CA ASP B 214 -22.56 7.72 9.35
C ASP B 214 -22.89 7.12 7.95
N ASP B 215 -22.45 7.72 6.84
CA ASP B 215 -22.59 7.12 5.48
C ASP B 215 -21.89 5.73 5.40
N VAL B 216 -20.74 5.55 6.06
CA VAL B 216 -20.04 4.22 6.06
C VAL B 216 -20.98 3.15 6.71
N ARG B 217 -21.59 3.50 7.84
CA ARG B 217 -22.50 2.63 8.65
C ARG B 217 -23.77 2.23 7.88
N ASN B 218 -24.23 3.08 6.94
CA ASN B 218 -25.50 2.97 6.16
C ASN B 218 -25.26 2.46 4.72
N LYS B 219 -24.01 2.31 4.28
CA LYS B 219 -23.67 1.83 2.90
C LYS B 219 -24.21 0.43 2.64
N ALA B 220 -24.25 -0.46 3.62
CA ALA B 220 -24.84 -1.82 3.48
C ALA B 220 -26.31 -1.68 3.05
N TYR B 221 -27.06 -0.90 3.82
CA TYR B 221 -28.50 -0.60 3.70
C TYR B 221 -28.79 -0.03 2.30
N GLU B 222 -28.07 1.03 1.97
CA GLU B 222 -28.13 1.79 0.71
C GLU B 222 -27.85 0.92 -0.49
N ILE B 223 -26.92 -0.04 -0.37
CA ILE B 223 -26.54 -0.98 -1.46
C ILE B 223 -27.60 -2.09 -1.52
N ILE B 224 -27.95 -2.71 -0.37
CA ILE B 224 -29.09 -3.67 -0.30
C ILE B 224 -30.33 -3.01 -0.94
N ASN B 225 -30.63 -1.76 -0.64
CA ASN B 225 -31.90 -1.12 -1.04
C ASN B 225 -31.89 -0.87 -2.55
N ARG B 226 -30.72 -0.89 -3.21
CA ARG B 226 -30.61 -0.62 -4.67
C ARG B 226 -30.62 -1.93 -5.44
N LYS B 227 -29.84 -2.94 -5.03
CA LYS B 227 -29.72 -4.12 -5.91
C LYS B 227 -29.92 -5.39 -5.11
N GLY B 228 -30.45 -5.31 -3.87
CA GLY B 228 -30.93 -6.49 -3.15
C GLY B 228 -29.92 -7.08 -2.21
N ALA B 229 -28.61 -6.88 -2.44
CA ALA B 229 -27.53 -7.39 -1.55
C ALA B 229 -26.21 -6.63 -1.82
N THR B 230 -25.24 -6.86 -0.93
CA THR B 230 -23.88 -6.28 -0.89
C THR B 230 -22.92 -7.46 -0.74
N PHE B 231 -21.87 -7.57 -1.59
CA PHE B 231 -20.91 -8.72 -1.52
C PHE B 231 -19.50 -8.42 -2.05
N TYR B 232 -19.26 -7.49 -2.98
CA TYR B 232 -17.97 -7.32 -3.72
C TYR B 232 -16.95 -6.77 -2.74
N GLY B 233 -17.37 -5.91 -1.81
CA GLY B 233 -16.52 -5.24 -0.80
C GLY B 233 -15.89 -6.22 0.10
N VAL B 234 -16.72 -7.08 0.69
CA VAL B 234 -16.28 -7.99 1.73
C VAL B 234 -15.53 -9.12 1.06
N ALA B 235 -16.03 -9.61 -0.09
CA ALA B 235 -15.34 -10.59 -0.95
C ALA B 235 -13.89 -10.17 -1.14
N THR B 236 -13.69 -8.90 -1.49
CA THR B 236 -12.30 -8.33 -1.69
C THR B 236 -11.53 -8.23 -0.35
N ALA B 237 -12.13 -7.71 0.73
CA ALA B 237 -11.54 -7.67 2.08
C ALA B 237 -11.11 -9.09 2.51
N LEU B 238 -11.98 -10.09 2.30
CA LEU B 238 -11.68 -11.50 2.60
C LEU B 238 -10.49 -12.04 1.77
N MET B 239 -10.46 -11.81 0.45
CA MET B 239 -9.30 -12.11 -0.44
C MET B 239 -8.01 -11.48 0.06
N ARG B 240 -8.06 -10.28 0.63
CA ARG B 240 -6.88 -9.50 1.03
C ARG B 240 -6.29 -10.07 2.34
N ILE B 241 -7.17 -10.40 3.29
CA ILE B 241 -6.73 -11.00 4.57
C ILE B 241 -6.24 -12.40 4.27
N SER B 242 -6.89 -13.08 3.32
CA SER B 242 -6.50 -14.43 2.85
C SER B 242 -5.05 -14.45 2.30
N LYS B 243 -4.65 -13.41 1.53
CA LYS B 243 -3.28 -13.28 0.97
C LYS B 243 -2.27 -12.93 2.09
N ALA B 244 -2.60 -12.11 3.10
CA ALA B 244 -1.70 -11.79 4.23
C ALA B 244 -1.32 -13.07 4.98
N ILE B 245 -2.25 -14.00 5.11
CA ILE B 245 -2.06 -15.29 5.80
C ILE B 245 -1.20 -16.22 4.93
N LEU B 246 -1.68 -16.49 3.74
CA LEU B 246 -1.06 -17.49 2.83
C LEU B 246 0.31 -17.00 2.28
N ARG B 247 0.60 -15.69 2.25
CA ARG B 247 1.88 -15.15 1.74
C ARG B 247 2.76 -14.71 2.92
N ASP B 248 2.32 -14.97 4.13
CA ASP B 248 2.99 -14.73 5.45
C ASP B 248 3.48 -13.28 5.51
N GLU B 249 2.59 -12.31 5.26
CA GLU B 249 3.03 -10.96 4.83
C GLU B 249 3.42 -10.08 6.01
N ASN B 250 2.82 -10.28 7.18
CA ASN B 250 2.95 -9.36 8.32
C ASN B 250 2.39 -8.00 7.91
N SER B 251 1.31 -8.01 7.14
CA SER B 251 0.63 -6.79 6.64
C SER B 251 -0.32 -6.20 7.68
N VAL B 252 -0.47 -4.87 7.71
CA VAL B 252 -1.28 -4.13 8.70
C VAL B 252 -2.72 -3.99 8.17
N LEU B 253 -3.71 -4.64 8.81
CA LEU B 253 -5.13 -4.58 8.33
C LEU B 253 -6.06 -4.34 9.53
N PRO B 254 -7.14 -3.53 9.36
CA PRO B 254 -8.20 -3.47 10.34
C PRO B 254 -9.00 -4.80 10.31
N ILE B 255 -9.06 -5.50 11.44
CA ILE B 255 -9.72 -6.82 11.52
C ILE B 255 -10.47 -6.89 12.88
N GLY B 256 -11.29 -7.91 13.09
CA GLY B 256 -11.73 -8.40 14.43
C GLY B 256 -10.63 -9.18 15.13
N ALA B 257 -9.92 -8.52 16.03
CA ALA B 257 -8.62 -8.98 16.58
C ALA B 257 -8.82 -9.33 18.04
N PRO B 258 -8.13 -10.38 18.59
CA PRO B 258 -8.40 -10.82 19.96
C PRO B 258 -7.80 -9.76 20.87
N MET B 259 -8.53 -9.31 21.88
CA MET B 259 -8.11 -8.29 22.88
C MET B 259 -7.52 -8.97 24.12
N ASN B 260 -6.35 -8.49 24.55
CA ASN B 260 -5.65 -8.87 25.81
C ASN B 260 -5.08 -7.60 26.46
N GLY B 261 -5.93 -6.62 26.82
CA GLY B 261 -5.55 -5.35 27.49
C GLY B 261 -5.59 -4.14 26.58
N GLU B 262 -5.58 -4.31 25.26
CA GLU B 262 -5.58 -3.16 24.30
C GLU B 262 -6.95 -2.49 24.41
N TYR B 263 -6.97 -1.14 24.50
CA TYR B 263 -8.20 -0.31 24.71
C TYR B 263 -8.86 -0.57 26.08
N GLY B 264 -8.14 -1.14 27.05
CA GLY B 264 -8.70 -1.56 28.36
C GLY B 264 -9.68 -2.73 28.23
N LEU B 265 -9.56 -3.56 27.19
CA LEU B 265 -10.50 -4.68 26.87
C LEU B 265 -9.75 -6.02 27.02
N ASN B 266 -10.44 -7.09 27.40
CA ASN B 266 -9.94 -8.49 27.41
C ASN B 266 -11.10 -9.40 27.02
N ASP B 267 -10.79 -10.64 26.64
CA ASP B 267 -11.72 -11.78 26.40
C ASP B 267 -12.75 -11.39 25.36
N LEU B 268 -12.29 -10.80 24.24
CA LEU B 268 -13.15 -10.08 23.24
C LEU B 268 -12.41 -9.93 21.90
N TYR B 269 -13.10 -10.19 20.78
CA TYR B 269 -12.66 -9.81 19.40
C TYR B 269 -13.32 -8.50 19.01
N ILE B 270 -12.54 -7.57 18.43
CA ILE B 270 -13.04 -6.22 18.10
C ILE B 270 -12.11 -5.54 17.09
N GLY B 271 -12.67 -4.54 16.42
CA GLY B 271 -12.11 -3.86 15.22
C GLY B 271 -10.99 -2.99 15.62
N THR B 272 -9.81 -3.35 15.17
CA THR B 272 -8.56 -2.57 15.33
C THR B 272 -7.63 -2.89 14.15
N PRO B 273 -6.66 -2.01 13.81
CA PRO B 273 -5.52 -2.45 13.00
C PRO B 273 -4.76 -3.57 13.74
N ALA B 274 -4.43 -4.63 13.01
CA ALA B 274 -3.60 -5.76 13.47
C ALA B 274 -2.60 -6.12 12.36
N VAL B 275 -1.47 -6.73 12.74
CA VAL B 275 -0.45 -7.34 11.84
C VAL B 275 -0.93 -8.76 11.57
N VAL B 276 -1.04 -9.19 10.31
CA VAL B 276 -1.66 -10.48 9.90
C VAL B 276 -0.58 -11.30 9.24
N ASN B 277 -0.40 -12.57 9.65
CA ASN B 277 0.62 -13.40 8.94
C ASN B 277 0.18 -14.86 8.90
N ALA B 278 1.09 -15.81 8.65
CA ALA B 278 0.78 -17.26 8.49
C ALA B 278 0.20 -17.87 9.79
N SER B 279 0.40 -17.24 10.94
CA SER B 279 -0.14 -17.69 12.28
C SER B 279 -1.44 -16.96 12.59
N GLY B 280 -2.02 -16.17 11.67
CA GLY B 280 -3.20 -15.34 11.89
C GLY B 280 -2.88 -13.97 12.44
N VAL B 281 -3.46 -13.59 13.59
CA VAL B 281 -3.21 -12.25 14.17
C VAL B 281 -1.85 -12.35 14.86
N ALA B 282 -0.85 -11.64 14.33
CA ALA B 282 0.54 -11.56 14.81
C ALA B 282 0.66 -10.57 15.99
N LYS B 283 -0.07 -9.46 15.91
CA LYS B 283 0.06 -8.26 16.77
C LYS B 283 -1.23 -7.45 16.61
N VAL B 284 -1.81 -7.03 17.73
CA VAL B 284 -2.82 -5.94 17.77
C VAL B 284 -2.03 -4.65 17.71
N ILE B 285 -2.43 -3.68 16.90
CA ILE B 285 -1.86 -2.30 16.91
C ILE B 285 -2.84 -1.41 17.65
N GLU B 286 -2.44 -0.89 18.80
CA GLU B 286 -3.33 -0.17 19.74
C GLU B 286 -3.18 1.32 19.43
N VAL B 287 -4.15 1.92 18.76
CA VAL B 287 -3.99 3.28 18.17
C VAL B 287 -4.43 4.36 19.18
N PRO B 288 -3.87 5.59 19.15
CA PRO B 288 -4.42 6.71 19.92
C PRO B 288 -5.85 7.09 19.50
N LEU B 289 -6.77 6.98 20.46
CA LEU B 289 -8.17 7.46 20.39
C LEU B 289 -8.25 8.80 21.12
N ASN B 290 -8.87 9.80 20.49
CA ASN B 290 -9.30 11.08 21.09
C ASN B 290 -10.51 10.81 22.04
N ASP B 291 -11.16 11.83 22.60
CA ASP B 291 -12.17 11.65 23.69
C ASP B 291 -13.40 10.91 23.11
N ARG B 292 -13.90 11.32 21.94
CA ARG B 292 -15.14 10.76 21.27
C ARG B 292 -14.92 9.30 20.84
N GLU B 293 -13.77 9.02 20.22
CA GLU B 293 -13.36 7.69 19.71
C GLU B 293 -13.19 6.75 20.90
N LYS B 294 -12.49 7.19 21.95
CA LYS B 294 -12.30 6.39 23.19
C LYS B 294 -13.69 6.03 23.73
N LYS B 295 -14.62 6.99 23.83
CA LYS B 295 -16.03 6.77 24.34
C LYS B 295 -16.80 5.83 23.40
N ALA B 296 -16.63 5.90 22.08
CA ALA B 296 -17.30 4.98 21.13
C ALA B 296 -16.71 3.56 21.24
N MET B 297 -15.38 3.40 21.36
CA MET B 297 -14.74 2.07 21.55
C MET B 297 -15.21 1.36 22.83
N ALA B 298 -15.28 2.05 23.97
CA ALA B 298 -15.77 1.52 25.28
C ALA B 298 -17.25 1.11 25.20
N ASP B 299 -18.11 2.02 24.72
CA ASP B 299 -19.55 1.84 24.45
C ASP B 299 -19.76 0.64 23.51
N SER B 300 -19.09 0.61 22.34
CA SER B 300 -19.14 -0.51 21.36
C SER B 300 -18.73 -1.85 22.01
N ALA B 301 -17.68 -1.89 22.82
CA ALA B 301 -17.04 -3.13 23.33
C ALA B 301 -17.87 -3.76 24.46
N LYS B 302 -18.29 -2.95 25.44
CA LYS B 302 -19.06 -3.44 26.61
C LYS B 302 -20.36 -4.15 26.12
N GLN B 303 -21.12 -3.43 25.31
CA GLN B 303 -22.31 -3.88 24.51
C GLN B 303 -21.99 -5.23 23.84
N LEU B 304 -20.93 -5.28 23.04
CA LEU B 304 -20.61 -6.48 22.20
C LEU B 304 -20.36 -7.69 23.12
N GLU B 305 -19.67 -7.46 24.24
CA GLU B 305 -19.30 -8.48 25.26
C GLU B 305 -20.56 -9.11 25.89
N GLU B 306 -21.54 -8.32 26.33
CA GLU B 306 -22.77 -8.85 26.99
C GLU B 306 -23.51 -9.78 26.02
N VAL B 307 -23.74 -9.30 24.79
CA VAL B 307 -24.45 -10.08 23.71
C VAL B 307 -23.63 -11.32 23.36
N ALA B 308 -22.31 -11.23 23.20
CA ALA B 308 -21.52 -12.44 22.82
C ALA B 308 -21.52 -13.48 23.95
N LYS B 309 -21.59 -13.07 25.24
CA LYS B 309 -21.51 -14.02 26.39
C LYS B 309 -22.91 -14.61 26.70
N ASN B 310 -23.98 -13.81 26.62
CA ASN B 310 -25.36 -14.37 26.75
C ASN B 310 -25.60 -15.37 25.59
N GLY B 311 -25.21 -15.01 24.36
CA GLY B 311 -25.33 -15.89 23.20
C GLY B 311 -24.65 -17.23 23.39
N MET B 312 -23.39 -17.23 23.84
CA MET B 312 -22.64 -18.50 24.11
C MET B 312 -23.31 -19.25 25.29
N ALA B 313 -23.72 -18.55 26.33
CA ALA B 313 -24.46 -19.10 27.49
C ALA B 313 -25.76 -19.75 26.98
N LYS B 314 -26.52 -19.09 26.10
CA LYS B 314 -27.82 -19.63 25.62
C LYS B 314 -27.52 -20.78 24.64
N LEU B 315 -26.66 -20.58 23.63
CA LEU B 315 -26.18 -21.70 22.75
C LEU B 315 -25.81 -22.90 23.63
N GLN B 316 -25.02 -22.59 24.68
CA GLN B 316 -24.41 -23.43 25.76
C GLN B 316 -23.02 -23.89 25.29
#